data_1NXC
#
_entry.id   1NXC
#
_cell.length_a   55.288
_cell.length_b   72.164
_cell.length_c   129.571
_cell.angle_alpha   90.00
_cell.angle_beta   90.00
_cell.angle_gamma   90.00
#
_symmetry.space_group_name_H-M   'P 21 21 21'
#
loop_
_entity.id
_entity.type
_entity.pdbx_description
1 polymer 'Mannosyl-oligosaccharide 1,2-alpha-mannosidase IA'
2 branched alpha-D-mannopyranose-(1-6)-alpha-D-mannopyranose-(1-3)-[alpha-D-mannopyranose-(1-3)-[alpha-D-mannopyranose-(1-6)]alpha-D-mannopyranose-(1-6)]beta-D-mannopyranose-(1-4)-2-acetamido-2-deoxy-beta-D-glucopyranose-(1-4)-2-acetamido-2-deoxy-beta-D-glucopyranose
3 non-polymer 'CALCIUM ION'
4 water water
#
_entity_poly.entity_id   1
_entity_poly.type   'polypeptide(L)'
_entity_poly.pdbx_seq_one_letter_code
;FLPPVGVENREPADATIREKRAKIKEMMTHAWNNYKRYAWGLNELKPISKEGHSSSLFGNIKGATIVDALDTLFIMGMKT
EFQEAKSWIKKYLDFNVNAEVSVFEVNIRFVGGLLSAYYLSGEEIFRKKAVELGVKLLPAFHTPSGIPWALLNMKSGIGR
NWPWASGGSSILAEFGTLHLEFMHLSHLSGDPVFAEKVMKIRTVLNKLDKPEGLYPNYLNPSSGQWGQHHVSVGGLGDSF
YEYLLKAWLMSDKTDLEAKKMYFDAVQAIETHLIRKSSGGLTYIAEWKGGLLEHKMGHLTCFAGGMFALGADGAPEARAQ
HYLELGAEIARTCHESYNRTYVKLGPEAFRFDGGVEAIATRQNEKYYILRPEVIETYMYMWRLTHDPKYRTWAWEAVEAL
ESHCRVNGGYSGLRDVYIARESYDDVQQSFFLAETLKYLYLIFSDDDLLPLEHWIFNTEAHPFPILREQKKEIDGKEK
;
_entity_poly.pdbx_strand_id   A
#
loop_
_chem_comp.id
_chem_comp.type
_chem_comp.name
_chem_comp.formula
BMA D-saccharide, beta linking beta-D-mannopyranose 'C6 H12 O6'
CA non-polymer 'CALCIUM ION' 'Ca 2'
MAN D-saccharide, alpha linking alpha-D-mannopyranose 'C6 H12 O6'
NAG D-saccharide, beta linking 2-acetamido-2-deoxy-beta-D-glucopyranose 'C8 H15 N O6'
#
# COMPACT_ATOMS: atom_id res chain seq x y z
N PHE A 1 9.86 24.03 -8.89
CA PHE A 1 10.13 23.21 -7.67
C PHE A 1 10.14 24.06 -6.38
N LEU A 2 9.43 23.58 -5.35
CA LEU A 2 9.43 24.20 -4.03
C LEU A 2 10.15 23.31 -3.02
N PRO A 3 10.98 23.90 -2.16
CA PRO A 3 11.66 23.11 -1.12
C PRO A 3 10.65 22.32 -0.27
N PRO A 4 10.89 21.03 -0.06
CA PRO A 4 9.94 20.21 0.70
C PRO A 4 9.99 20.48 2.20
N VAL A 5 8.85 20.30 2.86
CA VAL A 5 8.67 20.54 4.29
C VAL A 5 8.93 19.28 5.10
N GLY A 6 9.81 19.37 6.10
CA GLY A 6 10.00 18.31 7.06
C GLY A 6 10.65 17.07 6.51
N VAL A 7 11.79 17.24 5.84
CA VAL A 7 12.53 16.13 5.27
C VAL A 7 13.80 15.79 6.03
N GLU A 8 14.13 16.63 7.00
CA GLU A 8 15.30 16.43 7.86
C GLU A 8 15.00 15.38 8.94
N ASN A 9 15.93 14.44 9.11
CA ASN A 9 15.79 13.36 10.09
C ASN A 9 16.67 13.58 11.34
N ARG A 10 16.34 14.63 12.12
CA ARG A 10 17.00 14.92 13.42
C ARG A 10 16.86 13.74 14.39
N GLU A 11 17.93 13.42 15.11
CA GLU A 11 17.92 12.31 16.07
C GLU A 11 16.93 12.54 17.20
N PRO A 12 16.09 11.55 17.53
CA PRO A 12 15.23 11.64 18.73
C PRO A 12 16.02 11.89 20.04
N ALA A 13 15.35 12.53 21.00
CA ALA A 13 15.95 12.94 22.27
C ALA A 13 16.31 11.75 23.15
N ASP A 14 15.45 10.73 23.12
CA ASP A 14 15.63 9.57 23.99
C ASP A 14 16.66 8.61 23.39
N ALA A 15 17.65 8.22 24.18
CA ALA A 15 18.75 7.39 23.71
C ALA A 15 18.29 6.02 23.20
N THR A 16 17.26 5.46 23.82
CA THR A 16 16.77 4.15 23.42
C THR A 16 16.02 4.24 22.10
N ILE A 17 15.24 5.30 21.90
CA ILE A 17 14.56 5.51 20.61
C ILE A 17 15.59 5.75 19.48
N ARG A 18 16.62 6.56 19.74
CA ARG A 18 17.73 6.75 18.81
C ARG A 18 18.33 5.41 18.40
N GLU A 19 18.59 4.53 19.36
CA GLU A 19 19.19 3.24 19.06
C GLU A 19 18.26 2.36 18.21
N LYS A 20 16.98 2.33 18.56
CA LYS A 20 15.98 1.58 17.79
C LYS A 20 15.85 2.08 16.35
N ARG A 21 15.78 3.40 16.17
CA ARG A 21 15.76 3.97 14.83
C ARG A 21 17.01 3.62 14.03
N ALA A 22 18.18 3.66 14.66
CA ALA A 22 19.43 3.29 13.99
C ALA A 22 19.42 1.83 13.56
N LYS A 23 18.76 0.98 14.33
CA LYS A 23 18.61 -0.44 13.97
C LYS A 23 17.81 -0.61 12.68
N ILE A 24 16.71 0.14 12.55
CA ILE A 24 15.89 0.04 11.35
C ILE A 24 16.68 0.50 10.12
N LYS A 25 17.47 1.56 10.26
CA LYS A 25 18.36 1.98 9.18
C LYS A 25 19.35 0.89 8.82
N GLU A 26 19.89 0.21 9.83
CA GLU A 26 20.79 -0.91 9.59
C GLU A 26 20.07 -2.06 8.83
N MET A 27 18.82 -2.29 9.16
CA MET A 27 18.04 -3.32 8.45
C MET A 27 17.88 -2.92 6.95
N MET A 28 17.68 -1.63 6.68
CA MET A 28 17.61 -1.13 5.29
C MET A 28 18.92 -1.32 4.56
N THR A 29 20.04 -1.06 5.22
CA THR A 29 21.33 -1.29 4.56
C THR A 29 21.46 -2.75 4.23
N HIS A 30 20.93 -3.65 5.07
CA HIS A 30 21.01 -5.08 4.78
C HIS A 30 20.18 -5.46 3.54
N ALA A 31 18.95 -4.98 3.49
CA ALA A 31 18.05 -5.25 2.36
C ALA A 31 18.58 -4.65 1.04
N TRP A 32 18.98 -3.38 1.10
CA TRP A 32 19.46 -2.65 -0.08
C TRP A 32 20.78 -3.19 -0.60
N ASN A 33 21.76 -3.36 0.27
CA ASN A 33 23.08 -3.79 -0.14
C ASN A 33 23.05 -5.19 -0.75
N ASN A 34 22.16 -6.05 -0.24
CA ASN A 34 22.01 -7.39 -0.79
C ASN A 34 21.27 -7.37 -2.13
N TYR A 35 20.26 -6.53 -2.26
CA TYR A 35 19.61 -6.33 -3.56
C TYR A 35 20.64 -5.88 -4.63
N LYS A 36 21.45 -4.87 -4.29
CA LYS A 36 22.49 -4.37 -5.20
C LYS A 36 23.54 -5.44 -5.52
N ARG A 37 23.89 -6.28 -4.55
CA ARG A 37 24.91 -7.31 -4.73
C ARG A 37 24.52 -8.40 -5.73
N TYR A 38 23.27 -8.87 -5.69
CA TYR A 38 22.81 -10.03 -6.47
C TYR A 38 21.76 -9.77 -7.55
N ALA A 39 21.12 -8.59 -7.54
CA ALA A 39 19.97 -8.36 -8.40
C ALA A 39 19.90 -6.95 -8.96
N TRP A 40 21.03 -6.23 -9.01
CA TRP A 40 20.99 -4.81 -9.45
C TRP A 40 20.35 -4.63 -10.83
N GLY A 41 19.35 -3.74 -10.88
CA GLY A 41 18.59 -3.49 -12.09
C GLY A 41 17.38 -4.39 -12.32
N LEU A 42 17.35 -5.55 -11.68
CA LEU A 42 16.24 -6.50 -11.80
C LEU A 42 15.12 -6.05 -10.85
N ASN A 43 13.91 -6.53 -11.06
CA ASN A 43 12.78 -5.99 -10.29
C ASN A 43 12.87 -6.26 -8.78
N GLU A 44 13.25 -7.47 -8.38
CA GLU A 44 13.32 -7.86 -6.98
C GLU A 44 14.47 -8.85 -6.79
N LEU A 45 14.77 -9.16 -5.53
CA LEU A 45 15.83 -10.08 -5.12
C LEU A 45 15.21 -11.39 -4.61
N LYS A 46 15.85 -12.51 -4.96
CA LYS A 46 15.64 -13.81 -4.32
C LYS A 46 16.78 -13.94 -3.28
N PRO A 47 16.49 -13.76 -1.99
CA PRO A 47 17.54 -13.67 -0.96
C PRO A 47 18.20 -15.00 -0.56
N ILE A 48 17.52 -16.12 -0.74
CA ILE A 48 18.11 -17.44 -0.48
C ILE A 48 18.94 -17.86 -1.70
N SER A 49 18.35 -17.76 -2.88
CA SER A 49 19.02 -18.10 -4.15
C SER A 49 20.10 -17.12 -4.56
N LYS A 50 20.04 -15.90 -4.03
CA LYS A 50 20.98 -14.82 -4.37
C LYS A 50 21.03 -14.53 -5.89
N GLU A 51 19.83 -14.27 -6.42
CA GLU A 51 19.58 -13.98 -7.83
C GLU A 51 18.45 -12.98 -7.94
N GLY A 52 18.16 -12.56 -9.16
CA GLY A 52 16.98 -11.73 -9.44
C GLY A 52 15.66 -12.49 -9.46
N HIS A 53 14.59 -11.72 -9.20
CA HIS A 53 13.20 -12.19 -9.24
C HIS A 53 12.40 -11.22 -10.13
N SER A 54 11.70 -11.75 -11.15
CA SER A 54 10.97 -10.94 -12.13
C SER A 54 9.47 -11.30 -12.12
N SER A 55 8.72 -10.63 -11.26
CA SER A 55 7.29 -10.85 -11.17
C SER A 55 6.58 -10.51 -12.48
N SER A 56 5.59 -11.31 -12.88
CA SER A 56 4.88 -11.03 -14.12
C SER A 56 4.04 -9.74 -14.07
N LEU A 57 3.80 -9.20 -12.88
CA LEU A 57 3.05 -7.96 -12.74
C LEU A 57 3.75 -6.78 -13.42
N PHE A 58 5.07 -6.86 -13.55
CA PHE A 58 5.89 -5.76 -14.07
C PHE A 58 6.32 -5.96 -15.54
N GLY A 59 5.91 -7.04 -16.17
CA GLY A 59 6.31 -7.31 -17.53
C GLY A 59 7.82 -7.23 -17.69
N ASN A 60 8.28 -6.45 -18.67
CA ASN A 60 9.70 -6.29 -18.98
C ASN A 60 10.30 -4.97 -18.49
N ILE A 61 9.53 -4.22 -17.71
CA ILE A 61 10.10 -3.03 -17.06
C ILE A 61 11.15 -3.52 -16.05
N LYS A 62 12.19 -2.71 -15.82
CA LYS A 62 13.28 -3.07 -14.90
C LYS A 62 13.25 -2.20 -13.64
N GLY A 63 13.95 -2.64 -12.60
CA GLY A 63 14.28 -1.82 -11.45
C GLY A 63 13.20 -1.45 -10.45
N ALA A 64 12.17 -2.30 -10.30
CA ALA A 64 11.11 -2.04 -9.33
C ALA A 64 11.62 -1.72 -7.93
N THR A 65 12.58 -2.48 -7.41
CA THR A 65 13.10 -2.25 -6.06
C THR A 65 13.89 -0.95 -5.98
N ILE A 66 14.60 -0.58 -7.04
CA ILE A 66 15.32 0.71 -7.09
C ILE A 66 14.31 1.84 -6.96
N VAL A 67 13.26 1.83 -7.77
CA VAL A 67 12.29 2.92 -7.78
C VAL A 67 11.47 2.95 -6.47
N ASP A 68 11.06 1.78 -5.98
CA ASP A 68 10.27 1.68 -4.75
C ASP A 68 11.05 2.15 -3.52
N ALA A 69 12.37 1.97 -3.55
CA ALA A 69 13.25 2.34 -2.40
C ALA A 69 13.72 3.79 -2.37
N LEU A 70 13.58 4.53 -3.47
CA LEU A 70 14.22 5.85 -3.58
C LEU A 70 13.93 6.73 -2.38
N ASP A 71 12.65 6.85 -2.06
CA ASP A 71 12.24 7.76 -1.00
C ASP A 71 12.64 7.28 0.41
N THR A 72 12.63 5.98 0.65
CA THR A 72 13.10 5.45 1.92
C THR A 72 14.60 5.77 2.12
N LEU A 73 15.39 5.53 1.08
CA LEU A 73 16.82 5.91 1.10
C LEU A 73 16.98 7.40 1.43
N PHE A 74 16.21 8.25 0.76
CA PHE A 74 16.36 9.69 0.96
C PHE A 74 16.08 10.09 2.41
N ILE A 75 14.99 9.61 3.00
CA ILE A 75 14.62 10.10 4.34
C ILE A 75 15.52 9.52 5.41
N MET A 76 16.13 8.38 5.13
CA MET A 76 17.12 7.78 6.04
C MET A 76 18.50 8.40 5.90
N GLY A 77 18.66 9.39 5.04
CA GLY A 77 19.93 10.06 4.83
C GLY A 77 20.95 9.27 4.05
N MET A 78 20.47 8.28 3.29
CA MET A 78 21.33 7.39 2.51
C MET A 78 21.57 8.01 1.13
N LYS A 79 22.41 9.05 1.10
CA LYS A 79 22.51 9.92 -0.07
C LYS A 79 23.38 9.34 -1.18
N THR A 80 24.44 8.65 -0.81
CA THR A 80 25.27 7.93 -1.75
C THR A 80 24.42 6.89 -2.53
N GLU A 81 23.63 6.13 -1.77
CA GLU A 81 22.74 5.10 -2.33
C GLU A 81 21.69 5.72 -3.26
N PHE A 82 21.14 6.85 -2.84
CA PHE A 82 20.12 7.56 -3.63
C PHE A 82 20.69 8.06 -4.95
N GLN A 83 21.94 8.53 -4.94
CA GLN A 83 22.61 8.96 -6.15
C GLN A 83 22.93 7.83 -7.11
N GLU A 84 23.31 6.67 -6.60
CA GLU A 84 23.56 5.49 -7.47
C GLU A 84 22.22 5.06 -8.11
N ALA A 85 21.15 5.14 -7.35
CA ALA A 85 19.83 4.74 -7.84
C ALA A 85 19.38 5.70 -8.95
N LYS A 86 19.58 7.00 -8.72
CA LYS A 86 19.28 8.03 -9.71
C LYS A 86 20.07 7.82 -11.01
N SER A 87 21.37 7.50 -10.91
CA SER A 87 22.18 7.30 -12.11
C SER A 87 21.71 6.10 -12.93
N TRP A 88 21.26 5.04 -12.27
CA TRP A 88 20.73 3.87 -12.97
C TRP A 88 19.45 4.23 -13.72
N ILE A 89 18.59 5.00 -13.06
CA ILE A 89 17.30 5.37 -13.65
C ILE A 89 17.51 6.20 -14.92
N LYS A 90 18.39 7.19 -14.86
CA LYS A 90 18.68 8.03 -16.02
C LYS A 90 19.14 7.21 -17.23
N LYS A 91 19.97 6.19 -17.00
CA LYS A 91 20.51 5.39 -18.10
C LYS A 91 19.62 4.23 -18.58
N TYR A 92 18.84 3.63 -17.68
CA TYR A 92 18.28 2.29 -17.92
C TYR A 92 16.77 2.12 -17.70
N LEU A 93 16.11 3.04 -17.01
CA LEU A 93 14.67 2.85 -16.81
C LEU A 93 13.91 3.21 -18.09
N ASP A 94 13.29 2.19 -18.72
CA ASP A 94 12.68 2.30 -20.03
C ASP A 94 11.28 1.70 -20.00
N PHE A 95 10.27 2.48 -20.41
CA PHE A 95 8.88 2.04 -20.45
C PHE A 95 8.41 1.62 -21.84
N ASN A 96 9.29 1.79 -22.84
CA ASN A 96 9.03 1.35 -24.22
C ASN A 96 9.40 -0.12 -24.36
N VAL A 97 8.54 -1.00 -23.84
CA VAL A 97 8.78 -2.45 -23.79
C VAL A 97 7.54 -3.25 -24.22
N ASN A 98 7.76 -4.43 -24.81
CA ASN A 98 6.69 -5.26 -25.39
C ASN A 98 6.22 -6.41 -24.51
N ALA A 99 5.48 -6.07 -23.47
CA ALA A 99 4.92 -7.08 -22.59
C ALA A 99 3.77 -6.44 -21.84
N GLU A 100 2.95 -7.29 -21.24
CA GLU A 100 1.83 -6.83 -20.43
C GLU A 100 2.23 -6.55 -19.01
N VAL A 101 1.66 -5.49 -18.44
CA VAL A 101 1.91 -5.12 -17.05
C VAL A 101 0.57 -4.94 -16.34
N SER A 102 0.57 -5.06 -15.01
CA SER A 102 -0.54 -4.61 -14.22
C SER A 102 -0.48 -3.09 -14.13
N VAL A 103 -1.50 -2.45 -14.67
CA VAL A 103 -1.62 -0.99 -14.68
C VAL A 103 -1.58 -0.48 -13.23
N PHE A 104 -2.37 -1.13 -12.36
CA PHE A 104 -2.44 -0.83 -10.93
C PHE A 104 -1.06 -0.89 -10.24
N GLU A 105 -0.34 -2.00 -10.42
CA GLU A 105 0.91 -2.18 -9.71
C GLU A 105 1.96 -1.19 -10.22
N VAL A 106 2.00 -0.97 -11.53
CA VAL A 106 3.00 -0.05 -12.10
C VAL A 106 2.70 1.39 -11.66
N ASN A 107 1.43 1.74 -11.57
CA ASN A 107 1.07 3.05 -11.05
C ASN A 107 1.52 3.26 -9.60
N ILE A 108 1.18 2.34 -8.69
CA ILE A 108 1.41 2.62 -7.27
C ILE A 108 2.91 2.51 -6.92
N ARG A 109 3.64 1.64 -7.62
CA ARG A 109 5.08 1.48 -7.35
C ARG A 109 5.97 2.42 -8.17
N PHE A 110 5.85 2.39 -9.50
CA PHE A 110 6.76 3.15 -10.37
C PHE A 110 6.35 4.62 -10.50
N VAL A 111 5.10 4.91 -10.88
CA VAL A 111 4.66 6.33 -10.93
C VAL A 111 4.80 6.94 -9.52
N GLY A 112 4.32 6.23 -8.49
CA GLY A 112 4.38 6.77 -7.12
C GLY A 112 5.78 6.98 -6.55
N GLY A 113 6.65 6.02 -6.79
CA GLY A 113 8.02 6.09 -6.31
C GLY A 113 8.79 7.24 -6.96
N LEU A 114 8.58 7.43 -8.26
CA LEU A 114 9.22 8.54 -9.00
C LEU A 114 8.68 9.91 -8.56
N LEU A 115 7.38 10.01 -8.35
CA LEU A 115 6.78 11.24 -7.85
C LEU A 115 7.36 11.64 -6.48
N SER A 116 7.42 10.70 -5.55
CA SER A 116 7.96 11.03 -4.21
C SER A 116 9.44 11.41 -4.28
N ALA A 117 10.21 10.70 -5.09
CA ALA A 117 11.62 11.05 -5.25
C ALA A 117 11.79 12.47 -5.79
N TYR A 118 10.96 12.87 -6.75
CA TYR A 118 10.99 14.22 -7.29
C TYR A 118 10.67 15.27 -6.22
N TYR A 119 9.57 15.08 -5.50
CA TYR A 119 9.16 16.07 -4.52
C TYR A 119 10.14 16.20 -3.35
N LEU A 120 10.84 15.12 -3.01
CA LEU A 120 11.82 15.17 -1.92
C LEU A 120 13.14 15.81 -2.34
N SER A 121 13.60 15.50 -3.55
CA SER A 121 14.95 15.82 -4.02
C SER A 121 15.03 17.00 -5.01
N GLY A 122 13.95 17.24 -5.76
CA GLY A 122 13.96 18.23 -6.84
C GLY A 122 14.71 17.86 -8.10
N GLU A 123 15.15 16.62 -8.23
CA GLU A 123 15.89 16.17 -9.40
C GLU A 123 14.92 15.91 -10.57
N GLU A 124 15.07 16.69 -11.63
CA GLU A 124 14.11 16.72 -12.75
C GLU A 124 13.92 15.39 -13.46
N ILE A 125 14.94 14.52 -13.48
CA ILE A 125 14.82 13.20 -14.12
C ILE A 125 13.63 12.40 -13.56
N PHE A 126 13.35 12.56 -12.27
CA PHE A 126 12.25 11.78 -11.66
C PHE A 126 10.90 12.23 -12.20
N ARG A 127 10.73 13.55 -12.37
CA ARG A 127 9.51 14.13 -12.93
C ARG A 127 9.34 13.70 -14.39
N LYS A 128 10.42 13.80 -15.17
CA LYS A 128 10.41 13.41 -16.57
C LYS A 128 9.99 11.95 -16.73
N LYS A 129 10.59 11.05 -15.95
CA LYS A 129 10.24 9.63 -16.04
C LYS A 129 8.82 9.33 -15.56
N ALA A 130 8.35 10.00 -14.51
CA ALA A 130 6.96 9.75 -14.04
C ALA A 130 5.94 10.06 -15.12
N VAL A 131 6.16 11.16 -15.83
CA VAL A 131 5.24 11.60 -16.88
C VAL A 131 5.33 10.68 -18.11
N GLU A 132 6.54 10.25 -18.46
CA GLU A 132 6.75 9.29 -19.54
C GLU A 132 5.91 8.03 -19.31
N LEU A 133 5.92 7.53 -18.08
CA LEU A 133 5.18 6.33 -17.76
C LEU A 133 3.66 6.60 -17.77
N GLY A 134 3.23 7.72 -17.22
CA GLY A 134 1.83 8.09 -17.27
C GLY A 134 1.29 8.06 -18.69
N VAL A 135 2.06 8.63 -19.63
CA VAL A 135 1.63 8.68 -21.04
C VAL A 135 1.44 7.25 -21.58
N LYS A 136 2.37 6.35 -21.24
CA LYS A 136 2.28 4.96 -21.67
C LYS A 136 1.06 4.20 -21.12
N LEU A 137 0.53 4.62 -19.98
CA LEU A 137 -0.63 3.96 -19.37
C LEU A 137 -1.97 4.46 -19.92
N LEU A 138 -1.96 5.58 -20.64
CA LEU A 138 -3.20 6.17 -21.12
C LEU A 138 -4.08 5.23 -21.97
N PRO A 139 -3.53 4.38 -22.84
CA PRO A 139 -4.40 3.43 -23.56
C PRO A 139 -5.21 2.44 -22.71
N ALA A 140 -4.84 2.26 -21.44
CA ALA A 140 -5.63 1.38 -20.56
C ALA A 140 -7.07 1.88 -20.42
N PHE A 141 -7.29 3.17 -20.63
CA PHE A 141 -8.60 3.77 -20.44
C PHE A 141 -9.46 3.75 -21.71
N HIS A 142 -8.99 3.10 -22.78
CA HIS A 142 -9.70 3.05 -24.06
C HIS A 142 -10.78 1.97 -24.04
N THR A 143 -11.80 2.16 -23.22
CA THR A 143 -12.95 1.25 -23.12
C THR A 143 -14.21 2.07 -23.29
N PRO A 144 -15.34 1.43 -23.58
CA PRO A 144 -16.61 2.16 -23.73
C PRO A 144 -16.96 3.02 -22.53
N SER A 145 -16.66 2.54 -21.32
CA SER A 145 -17.00 3.27 -20.10
C SER A 145 -15.93 4.25 -19.61
N GLY A 146 -14.67 3.99 -19.94
CA GLY A 146 -13.56 4.71 -19.32
C GLY A 146 -12.92 3.98 -18.14
N ILE A 147 -13.60 2.96 -17.62
CA ILE A 147 -13.03 2.08 -16.60
C ILE A 147 -11.91 1.33 -17.28
N PRO A 148 -10.69 1.45 -16.75
CA PRO A 148 -9.54 0.85 -17.43
C PRO A 148 -9.42 -0.67 -17.37
N TRP A 149 -8.71 -1.20 -18.35
CA TRP A 149 -8.18 -2.55 -18.34
C TRP A 149 -7.19 -2.80 -17.19
N ALA A 150 -7.17 -4.03 -16.71
CA ALA A 150 -6.22 -4.48 -15.68
C ALA A 150 -4.80 -4.57 -16.21
N LEU A 151 -4.68 -5.09 -17.43
CA LEU A 151 -3.41 -5.53 -17.99
C LEU A 151 -3.21 -4.83 -19.34
N LEU A 152 -2.04 -4.25 -19.56
CA LEU A 152 -1.78 -3.44 -20.75
C LEU A 152 -0.44 -3.80 -21.34
N ASN A 153 -0.42 -4.04 -22.65
CA ASN A 153 0.83 -4.17 -23.37
C ASN A 153 1.32 -2.75 -23.66
N MET A 154 2.51 -2.43 -23.16
CA MET A 154 3.05 -1.08 -23.17
C MET A 154 3.38 -0.60 -24.59
N LYS A 155 3.78 -1.54 -25.44
CA LYS A 155 4.14 -1.23 -26.83
C LYS A 155 2.93 -1.04 -27.74
N SER A 156 1.98 -1.97 -27.67
CA SER A 156 0.88 -2.01 -28.61
C SER A 156 -0.33 -1.19 -28.15
N GLY A 157 -0.38 -0.92 -26.85
CA GLY A 157 -1.53 -0.28 -26.23
C GLY A 157 -2.76 -1.17 -26.08
N ILE A 158 -2.62 -2.46 -26.32
CA ILE A 158 -3.74 -3.41 -26.23
C ILE A 158 -3.91 -3.92 -24.78
N GLY A 159 -5.13 -3.81 -24.28
CA GLY A 159 -5.44 -4.19 -22.92
C GLY A 159 -6.50 -5.27 -22.78
N ARG A 160 -6.54 -5.85 -21.59
CA ARG A 160 -7.50 -6.89 -21.22
C ARG A 160 -7.62 -6.96 -19.68
N ASN A 161 -8.61 -7.71 -19.20
CA ASN A 161 -8.85 -7.91 -17.78
C ASN A 161 -8.36 -9.27 -17.32
N TRP A 162 -8.28 -9.49 -16.01
CA TRP A 162 -7.87 -10.82 -15.50
C TRP A 162 -8.82 -11.88 -16.09
N PRO A 163 -8.29 -13.03 -16.53
CA PRO A 163 -9.13 -14.05 -17.19
C PRO A 163 -10.22 -14.68 -16.32
N TRP A 164 -9.99 -14.69 -15.00
CA TRP A 164 -10.92 -15.24 -14.00
C TRP A 164 -11.94 -14.22 -13.49
N ALA A 165 -11.76 -12.96 -13.85
CA ALA A 165 -12.63 -11.91 -13.30
C ALA A 165 -14.06 -12.08 -13.84
N SER A 166 -15.04 -12.01 -12.94
CA SER A 166 -16.47 -12.19 -13.26
C SER A 166 -16.87 -11.48 -14.54
N GLY A 167 -17.30 -12.24 -15.54
CA GLY A 167 -17.72 -11.68 -16.81
C GLY A 167 -16.74 -10.75 -17.51
N GLY A 168 -15.45 -10.94 -17.27
CA GLY A 168 -14.44 -10.06 -17.85
C GLY A 168 -14.39 -8.67 -17.24
N SER A 169 -14.76 -8.55 -15.96
CA SER A 169 -14.87 -7.27 -15.28
C SER A 169 -13.50 -6.73 -14.78
N SER A 170 -13.43 -5.41 -14.60
CA SER A 170 -12.32 -4.73 -13.95
C SER A 170 -12.50 -4.78 -12.42
N ILE A 171 -11.37 -4.70 -11.71
CA ILE A 171 -11.30 -4.84 -10.24
C ILE A 171 -11.33 -3.49 -9.53
N LEU A 172 -12.23 -3.34 -8.56
CA LEU A 172 -12.43 -2.09 -7.82
C LEU A 172 -11.11 -1.48 -7.28
N ALA A 173 -10.32 -2.25 -6.56
CA ALA A 173 -9.07 -1.70 -6.00
C ALA A 173 -8.10 -1.25 -7.09
N GLU A 174 -8.12 -1.93 -8.22
CA GLU A 174 -7.20 -1.59 -9.32
C GLU A 174 -7.54 -0.26 -9.96
N PHE A 175 -8.74 -0.12 -10.51
CA PHE A 175 -9.11 1.15 -11.10
C PHE A 175 -9.38 2.26 -10.06
N GLY A 176 -9.67 1.89 -8.81
CA GLY A 176 -9.86 2.85 -7.74
C GLY A 176 -8.61 3.37 -7.00
N THR A 177 -7.44 2.87 -7.38
CA THR A 177 -6.19 3.24 -6.72
C THR A 177 -5.22 3.86 -7.73
N LEU A 178 -5.77 4.68 -8.62
CA LEU A 178 -5.00 5.49 -9.57
C LEU A 178 -5.07 7.02 -9.29
N HIS A 179 -6.00 7.42 -8.43
CA HIS A 179 -6.37 8.81 -8.31
C HIS A 179 -5.24 9.72 -7.89
N LEU A 180 -4.55 9.38 -6.82
CA LEU A 180 -3.52 10.28 -6.26
C LEU A 180 -2.40 10.56 -7.26
N GLU A 181 -1.93 9.52 -7.93
CA GLU A 181 -0.79 9.62 -8.81
C GLU A 181 -1.20 10.44 -10.04
N PHE A 182 -2.39 10.19 -10.56
CA PHE A 182 -2.85 10.85 -11.80
C PHE A 182 -3.10 12.36 -11.55
N MET A 183 -3.57 12.72 -10.36
CA MET A 183 -3.70 14.15 -10.03
C MET A 183 -2.34 14.84 -10.06
N HIS A 184 -1.29 14.21 -9.52
CA HIS A 184 0.05 14.80 -9.58
C HIS A 184 0.62 14.79 -11.00
N LEU A 185 0.27 13.81 -11.83
CA LEU A 185 0.76 13.77 -13.21
C LEU A 185 0.25 14.98 -14.00
N SER A 186 -1.01 15.33 -13.78
CA SER A 186 -1.57 16.51 -14.44
C SER A 186 -0.91 17.77 -13.93
N HIS A 187 -0.62 17.84 -12.63
CA HIS A 187 0.02 19.03 -12.06
C HIS A 187 1.41 19.26 -12.64
N LEU A 188 2.20 18.20 -12.73
CA LEU A 188 3.58 18.33 -13.12
C LEU A 188 3.75 18.45 -14.65
N SER A 189 2.89 17.79 -15.43
CA SER A 189 2.95 17.82 -16.88
C SER A 189 2.19 19.02 -17.47
N GLY A 190 1.28 19.59 -16.68
CA GLY A 190 0.35 20.60 -17.16
C GLY A 190 -0.74 20.06 -18.08
N ASP A 191 -0.77 18.75 -18.31
CA ASP A 191 -1.76 18.15 -19.22
C ASP A 191 -2.96 17.66 -18.43
N PRO A 192 -4.14 18.23 -18.66
CA PRO A 192 -5.36 17.79 -17.96
C PRO A 192 -5.80 16.33 -18.16
N VAL A 193 -5.23 15.63 -19.13
CA VAL A 193 -5.72 14.31 -19.50
C VAL A 193 -5.70 13.30 -18.34
N PHE A 194 -4.67 13.36 -17.49
CA PHE A 194 -4.50 12.37 -16.42
C PHE A 194 -5.64 12.51 -15.40
N ALA A 195 -5.90 13.72 -14.94
CA ALA A 195 -7.03 13.97 -14.04
C ALA A 195 -8.37 13.61 -14.70
N GLU A 196 -8.51 13.87 -15.99
CA GLU A 196 -9.73 13.52 -16.73
C GLU A 196 -10.02 12.00 -16.65
N LYS A 197 -8.99 11.18 -16.78
CA LYS A 197 -9.21 9.73 -16.73
C LYS A 197 -9.74 9.25 -15.38
N VAL A 198 -9.17 9.77 -14.29
CA VAL A 198 -9.56 9.30 -12.96
C VAL A 198 -10.87 9.93 -12.49
N MET A 199 -11.18 11.13 -12.97
CA MET A 199 -12.49 11.74 -12.73
C MET A 199 -13.63 11.04 -13.52
N LYS A 200 -13.31 10.45 -14.68
CA LYS A 200 -14.31 9.65 -15.40
C LYS A 200 -14.65 8.38 -14.63
N ILE A 201 -13.66 7.77 -13.96
CA ILE A 201 -13.91 6.63 -13.08
C ILE A 201 -14.94 6.98 -12.00
N ARG A 202 -14.76 8.14 -11.37
CA ARG A 202 -15.70 8.65 -10.37
C ARG A 202 -17.11 8.75 -10.96
N THR A 203 -17.22 9.29 -12.17
CA THR A 203 -18.51 9.52 -12.83
C THR A 203 -19.26 8.20 -13.03
N VAL A 204 -18.54 7.17 -13.47
CA VAL A 204 -19.14 5.84 -13.69
C VAL A 204 -19.67 5.24 -12.39
N LEU A 205 -18.86 5.31 -11.33
CA LEU A 205 -19.21 4.72 -10.06
C LEU A 205 -20.43 5.39 -9.47
N ASN A 206 -20.47 6.71 -9.56
CA ASN A 206 -21.51 7.48 -8.89
C ASN A 206 -22.87 7.32 -9.57
N LYS A 207 -22.87 6.87 -10.82
CA LYS A 207 -24.11 6.53 -11.55
C LYS A 207 -24.74 5.20 -11.11
N LEU A 208 -23.95 4.32 -10.49
CA LEU A 208 -24.43 3.00 -10.09
C LEU A 208 -25.10 2.99 -8.71
N ASP A 209 -26.15 2.18 -8.57
CA ASP A 209 -26.69 1.83 -7.26
C ASP A 209 -25.68 0.91 -6.57
N LYS A 210 -25.34 1.22 -5.33
CA LYS A 210 -24.47 0.39 -4.51
C LYS A 210 -25.36 -0.48 -3.64
N PRO A 211 -25.37 -1.80 -3.83
CA PRO A 211 -26.26 -2.68 -3.05
C PRO A 211 -25.97 -2.61 -1.54
N GLU A 212 -26.93 -2.16 -0.74
CA GLU A 212 -26.76 -1.96 0.70
C GLU A 212 -25.67 -0.93 1.08
N GLY A 213 -25.34 -0.01 0.17
CA GLY A 213 -24.27 0.95 0.35
C GLY A 213 -22.87 0.39 0.09
N LEU A 214 -22.81 -0.86 -0.36
CA LEU A 214 -21.55 -1.56 -0.53
C LEU A 214 -21.14 -1.58 -2.01
N TYR A 215 -19.83 -1.69 -2.24
CA TYR A 215 -19.24 -1.69 -3.58
C TYR A 215 -18.80 -3.10 -3.94
N PRO A 216 -19.46 -3.73 -4.92
CA PRO A 216 -18.93 -4.96 -5.50
C PRO A 216 -17.51 -4.74 -6.02
N ASN A 217 -16.72 -5.79 -5.97
CA ASN A 217 -15.31 -5.69 -6.35
C ASN A 217 -15.13 -5.79 -7.88
N TYR A 218 -16.23 -5.97 -8.62
CA TYR A 218 -16.18 -6.21 -10.07
C TYR A 218 -17.06 -5.24 -10.83
N LEU A 219 -16.50 -4.56 -11.83
CA LEU A 219 -17.24 -3.60 -12.68
C LEU A 219 -16.85 -3.80 -14.14
N ASN A 220 -17.83 -4.08 -15.01
CA ASN A 220 -17.55 -4.41 -16.40
C ASN A 220 -17.23 -3.15 -17.21
N PRO A 221 -16.07 -3.11 -17.88
CA PRO A 221 -15.65 -1.86 -18.55
C PRO A 221 -16.38 -1.55 -19.86
N SER A 222 -17.11 -2.52 -20.41
CA SER A 222 -17.91 -2.31 -21.63
C SER A 222 -19.32 -1.84 -21.29
N SER A 223 -19.96 -2.50 -20.33
CA SER A 223 -21.32 -2.14 -19.93
C SER A 223 -21.40 -1.08 -18.83
N GLY A 224 -20.35 -0.93 -18.04
CA GLY A 224 -20.39 -0.05 -16.88
C GLY A 224 -21.25 -0.52 -15.70
N GLN A 225 -21.62 -1.80 -15.70
CA GLN A 225 -22.45 -2.41 -14.66
C GLN A 225 -21.65 -3.42 -13.80
N TRP A 226 -22.14 -3.70 -12.59
CA TRP A 226 -21.43 -4.61 -11.67
C TRP A 226 -21.36 -6.05 -12.17
N GLY A 227 -20.28 -6.75 -11.83
CA GLY A 227 -20.23 -8.20 -11.85
C GLY A 227 -20.74 -8.74 -10.53
N GLN A 228 -20.33 -9.95 -10.16
CA GLN A 228 -20.86 -10.55 -8.94
C GLN A 228 -20.61 -9.68 -7.70
N HIS A 229 -21.55 -9.77 -6.77
CA HIS A 229 -21.60 -8.91 -5.61
C HIS A 229 -20.75 -9.45 -4.45
N HIS A 230 -19.44 -9.44 -4.68
CA HIS A 230 -18.44 -9.81 -3.70
C HIS A 230 -17.86 -8.51 -3.16
N VAL A 231 -17.90 -8.33 -1.84
CA VAL A 231 -17.47 -7.09 -1.20
C VAL A 231 -16.37 -7.40 -0.16
N SER A 232 -15.28 -6.62 -0.17
CA SER A 232 -14.17 -6.81 0.79
C SER A 232 -13.39 -5.53 1.01
N VAL A 233 -12.96 -5.32 2.26
CA VAL A 233 -12.03 -4.24 2.63
C VAL A 233 -10.56 -4.74 2.65
N GLY A 234 -10.38 -6.02 2.30
CA GLY A 234 -9.08 -6.60 2.02
C GLY A 234 -8.89 -6.71 0.51
N GLY A 235 -8.26 -7.78 0.02
CA GLY A 235 -8.00 -7.92 -1.39
C GLY A 235 -9.17 -7.69 -2.33
N LEU A 236 -8.86 -6.97 -3.43
CA LEU A 236 -9.78 -6.53 -4.49
C LEU A 236 -10.55 -5.25 -4.19
N GLY A 237 -10.59 -4.83 -2.91
CA GLY A 237 -11.33 -3.62 -2.51
C GLY A 237 -10.54 -2.58 -1.76
N ASP A 238 -9.90 -2.99 -0.66
CA ASP A 238 -9.05 -2.18 0.21
C ASP A 238 -8.68 -0.75 -0.25
N SER A 239 -7.79 -0.62 -1.21
CA SER A 239 -7.16 0.68 -1.45
C SER A 239 -8.07 1.66 -2.22
N PHE A 240 -9.15 1.17 -2.81
CA PHE A 240 -10.16 2.08 -3.37
C PHE A 240 -10.69 2.95 -2.25
N TYR A 241 -11.08 2.33 -1.13
CA TYR A 241 -11.58 3.08 0.03
C TYR A 241 -10.52 4.05 0.60
N GLU A 242 -9.30 3.53 0.78
CA GLU A 242 -8.14 4.30 1.20
C GLU A 242 -7.99 5.59 0.39
N TYR A 243 -8.13 5.47 -0.94
CA TYR A 243 -7.89 6.60 -1.84
C TYR A 243 -9.07 7.57 -1.89
N LEU A 244 -10.27 7.16 -1.48
CA LEU A 244 -11.35 8.16 -1.30
C LEU A 244 -10.95 9.15 -0.20
N LEU A 245 -10.59 8.64 0.97
CA LEU A 245 -10.12 9.48 2.08
C LEU A 245 -8.90 10.32 1.69
N LYS A 246 -7.91 9.68 1.09
CA LYS A 246 -6.64 10.37 0.82
C LYS A 246 -6.75 11.39 -0.32
N ALA A 247 -7.66 11.18 -1.28
CA ALA A 247 -7.94 12.15 -2.36
C ALA A 247 -8.48 13.44 -1.76
N TRP A 248 -9.34 13.28 -0.77
CA TRP A 248 -9.90 14.44 -0.09
C TRP A 248 -8.80 15.21 0.67
N LEU A 249 -8.01 14.50 1.49
CA LEU A 249 -6.90 15.14 2.21
C LEU A 249 -5.85 15.79 1.29
N MET A 250 -5.49 15.09 0.21
CA MET A 250 -4.46 15.57 -0.70
C MET A 250 -4.91 16.74 -1.58
N SER A 251 -6.22 16.97 -1.62
CA SER A 251 -6.77 18.10 -2.39
C SER A 251 -6.90 19.36 -1.54
N ASP A 252 -6.27 19.37 -0.35
CA ASP A 252 -6.46 20.47 0.62
C ASP A 252 -7.94 20.55 0.98
N LYS A 253 -8.58 19.38 1.04
CA LYS A 253 -9.98 19.19 1.41
C LYS A 253 -11.02 19.84 0.48
N THR A 254 -10.65 20.00 -0.78
CA THR A 254 -11.56 20.59 -1.78
C THR A 254 -12.34 19.55 -2.60
N ASP A 255 -11.87 18.30 -2.60
CA ASP A 255 -12.59 17.22 -3.30
C ASP A 255 -13.70 16.69 -2.40
N LEU A 256 -14.84 17.38 -2.42
CA LEU A 256 -15.97 17.05 -1.54
C LEU A 256 -16.65 15.77 -1.94
N GLU A 257 -16.63 15.45 -3.22
CA GLU A 257 -17.14 14.17 -3.72
C GLU A 257 -16.40 13.00 -3.03
N ALA A 258 -15.07 13.11 -2.95
CA ALA A 258 -14.27 12.06 -2.31
C ALA A 258 -14.64 11.88 -0.84
N LYS A 259 -14.82 12.99 -0.14
CA LYS A 259 -15.15 12.95 1.29
C LYS A 259 -16.48 12.23 1.54
N LYS A 260 -17.51 12.57 0.77
CA LYS A 260 -18.82 11.95 0.94
C LYS A 260 -18.78 10.48 0.59
N MET A 261 -18.13 10.15 -0.51
CA MET A 261 -17.96 8.76 -0.92
C MET A 261 -17.32 7.94 0.21
N TYR A 262 -16.27 8.49 0.81
CA TYR A 262 -15.53 7.82 1.89
C TYR A 262 -16.42 7.56 3.11
N PHE A 263 -16.99 8.60 3.70
CA PHE A 263 -17.75 8.42 4.94
C PHE A 263 -19.05 7.60 4.72
N ASP A 264 -19.71 7.76 3.56
CA ASP A 264 -20.82 6.87 3.22
C ASP A 264 -20.38 5.40 3.13
N ALA A 265 -19.23 5.17 2.49
CA ALA A 265 -18.73 3.82 2.30
C ALA A 265 -18.42 3.17 3.63
N VAL A 266 -17.72 3.89 4.50
CA VAL A 266 -17.31 3.30 5.78
C VAL A 266 -18.49 3.03 6.72
N GLN A 267 -19.54 3.84 6.66
CA GLN A 267 -20.73 3.55 7.45
C GLN A 267 -21.39 2.27 7.01
N ALA A 268 -21.50 2.03 5.70
CA ALA A 268 -22.07 0.76 5.22
C ALA A 268 -21.20 -0.45 5.59
N ILE A 269 -19.88 -0.26 5.55
CA ILE A 269 -18.93 -1.31 5.96
C ILE A 269 -19.13 -1.64 7.46
N GLU A 270 -19.24 -0.62 8.30
CA GLU A 270 -19.45 -0.84 9.74
C GLU A 270 -20.71 -1.67 9.99
N THR A 271 -21.79 -1.29 9.33
CA THR A 271 -23.09 -1.95 9.49
C THR A 271 -23.08 -3.41 9.05
N HIS A 272 -22.54 -3.69 7.87
CA HIS A 272 -22.72 -4.97 7.20
C HIS A 272 -21.54 -5.94 7.32
N LEU A 273 -20.34 -5.42 7.57
CA LEU A 273 -19.11 -6.21 7.50
C LEU A 273 -18.34 -6.31 8.82
N ILE A 274 -18.44 -5.30 9.67
CA ILE A 274 -17.67 -5.26 10.93
C ILE A 274 -18.43 -5.96 12.05
N ARG A 275 -17.76 -6.92 12.68
CA ARG A 275 -18.33 -7.71 13.77
C ARG A 275 -17.34 -7.86 14.92
N LYS A 276 -17.84 -8.37 16.05
CA LYS A 276 -17.01 -8.63 17.23
C LYS A 276 -17.10 -10.11 17.56
N SER A 277 -15.96 -10.75 17.80
CA SER A 277 -15.92 -12.15 18.12
C SER A 277 -16.40 -12.38 19.56
N SER A 278 -16.71 -13.63 19.91
CA SER A 278 -17.19 -13.90 21.25
C SER A 278 -16.12 -13.57 22.30
N GLY A 279 -14.86 -13.68 21.90
CA GLY A 279 -13.75 -13.26 22.74
C GLY A 279 -13.44 -11.78 22.80
N GLY A 280 -14.23 -10.96 22.10
CA GLY A 280 -14.15 -9.52 22.17
C GLY A 280 -13.31 -8.77 21.13
N LEU A 281 -12.87 -9.45 20.07
CA LEU A 281 -12.06 -8.80 19.02
C LEU A 281 -12.91 -8.26 17.86
N THR A 282 -12.67 -7.01 17.47
CA THR A 282 -13.30 -6.40 16.31
C THR A 282 -12.60 -6.84 15.01
N TYR A 283 -13.37 -7.31 14.03
CA TYR A 283 -12.84 -7.71 12.72
C TYR A 283 -13.73 -7.26 11.56
N ILE A 284 -13.16 -7.21 10.35
CA ILE A 284 -13.89 -6.88 9.12
C ILE A 284 -14.02 -8.14 8.27
N ALA A 285 -15.26 -8.60 8.12
CA ALA A 285 -15.61 -9.81 7.38
C ALA A 285 -15.79 -9.54 5.88
N GLU A 286 -15.92 -10.61 5.10
CA GLU A 286 -16.20 -10.52 3.67
C GLU A 286 -17.63 -10.90 3.37
N TRP A 287 -18.20 -10.26 2.36
CA TRP A 287 -19.62 -10.32 2.11
C TRP A 287 -19.81 -10.79 0.67
N LYS A 288 -20.64 -11.80 0.48
CA LYS A 288 -20.92 -12.34 -0.85
C LYS A 288 -22.42 -12.52 -1.00
N GLY A 289 -23.06 -11.58 -1.69
CA GLY A 289 -24.49 -11.61 -1.91
C GLY A 289 -25.24 -11.78 -0.59
N GLY A 290 -24.81 -11.06 0.45
CA GLY A 290 -25.51 -11.04 1.72
C GLY A 290 -24.95 -11.97 2.77
N LEU A 291 -24.15 -12.94 2.36
CA LEU A 291 -23.65 -13.99 3.25
C LEU A 291 -22.23 -13.67 3.73
N LEU A 292 -22.06 -13.53 5.05
CA LEU A 292 -20.73 -13.23 5.59
C LEU A 292 -19.84 -14.44 5.70
N GLU A 293 -18.57 -14.24 5.33
CA GLU A 293 -17.51 -15.17 5.66
C GLU A 293 -16.67 -14.51 6.74
N HIS A 294 -16.53 -15.20 7.88
CA HIS A 294 -15.92 -14.62 9.08
C HIS A 294 -14.39 -14.80 9.09
N LYS A 295 -13.76 -14.02 8.21
CA LYS A 295 -12.34 -14.13 7.89
C LYS A 295 -11.85 -12.72 7.54
N MET A 296 -10.62 -12.43 7.95
CA MET A 296 -9.99 -11.14 7.72
C MET A 296 -8.57 -11.39 7.19
N GLY A 297 -8.13 -10.59 6.22
CA GLY A 297 -6.78 -10.67 5.67
C GLY A 297 -5.77 -9.72 6.33
N HIS A 298 -4.49 -10.07 6.32
CA HIS A 298 -3.40 -9.11 6.59
C HIS A 298 -3.60 -7.83 5.78
N LEU A 299 -4.03 -7.94 4.51
CA LEU A 299 -4.31 -6.76 3.70
C LEU A 299 -5.35 -5.86 4.34
N THR A 300 -6.39 -6.48 4.92
CA THR A 300 -7.43 -5.72 5.59
C THR A 300 -6.92 -4.87 6.74
N CYS A 301 -5.82 -5.28 7.36
CA CYS A 301 -5.29 -4.60 8.54
C CYS A 301 -4.87 -3.13 8.31
N PHE A 302 -4.66 -2.71 7.04
CA PHE A 302 -4.38 -1.30 6.70
C PHE A 302 -5.53 -0.39 7.19
N ALA A 303 -6.71 -0.97 7.32
CA ALA A 303 -7.92 -0.18 7.57
C ALA A 303 -7.88 0.50 8.94
N GLY A 304 -7.14 -0.06 9.89
CA GLY A 304 -7.00 0.58 11.19
C GLY A 304 -6.42 1.98 11.09
N GLY A 305 -5.32 2.13 10.36
CA GLY A 305 -4.74 3.43 10.11
C GLY A 305 -5.64 4.32 9.27
N MET A 306 -6.37 3.74 8.31
CA MET A 306 -7.30 4.52 7.48
C MET A 306 -8.37 5.14 8.38
N PHE A 307 -9.03 4.32 9.20
CA PHE A 307 -10.07 4.80 10.10
C PHE A 307 -9.52 5.90 11.00
N ALA A 308 -8.33 5.72 11.57
CA ALA A 308 -7.74 6.72 12.46
C ALA A 308 -7.39 8.02 11.74
N LEU A 309 -6.88 7.92 10.51
CA LEU A 309 -6.48 9.08 9.72
C LEU A 309 -7.68 9.96 9.33
N GLY A 310 -8.83 9.31 9.15
CA GLY A 310 -10.06 9.99 8.82
C GLY A 310 -10.82 10.56 10.00
N ALA A 311 -10.37 10.27 11.23
CA ALA A 311 -11.07 10.69 12.46
C ALA A 311 -11.16 12.20 12.60
N ASP A 312 -10.06 12.90 12.33
CA ASP A 312 -10.01 14.35 12.49
C ASP A 312 -11.05 15.04 11.58
N GLY A 313 -11.25 14.51 10.37
CA GLY A 313 -12.19 15.05 9.40
C GLY A 313 -13.62 14.53 9.49
N ALA A 314 -13.87 13.64 10.45
CA ALA A 314 -15.17 13.00 10.62
C ALA A 314 -16.20 14.01 11.13
N PRO A 315 -17.48 13.72 10.93
CA PRO A 315 -18.56 14.56 11.47
C PRO A 315 -18.45 14.79 12.97
N GLU A 316 -19.15 15.83 13.40
CA GLU A 316 -19.32 16.16 14.82
C GLU A 316 -19.53 14.92 15.72
N ALA A 317 -18.68 14.77 16.73
CA ALA A 317 -18.84 13.71 17.76
C ALA A 317 -18.67 12.28 17.25
N ARG A 318 -18.00 12.15 16.10
CA ARG A 318 -17.64 10.85 15.54
C ARG A 318 -16.11 10.63 15.50
N ALA A 319 -15.32 11.64 15.83
CA ALA A 319 -13.86 11.55 15.79
C ALA A 319 -13.29 10.49 16.74
N GLN A 320 -13.72 10.51 18.01
CA GLN A 320 -13.25 9.49 18.96
C GLN A 320 -13.68 8.08 18.56
N HIS A 321 -14.87 7.96 17.97
CA HIS A 321 -15.39 6.70 17.46
C HIS A 321 -14.42 6.06 16.45
N TYR A 322 -13.92 6.88 15.55
CA TYR A 322 -13.01 6.38 14.51
C TYR A 322 -11.58 6.15 15.02
N LEU A 323 -11.10 6.95 15.97
CA LEU A 323 -9.83 6.65 16.64
C LEU A 323 -9.93 5.33 17.41
N GLU A 324 -11.07 5.09 18.05
CA GLU A 324 -11.28 3.87 18.83
C GLU A 324 -11.44 2.64 17.94
N LEU A 325 -12.12 2.79 16.81
CA LEU A 325 -12.23 1.71 15.82
C LEU A 325 -10.86 1.36 15.24
N GLY A 326 -10.08 2.37 14.89
CA GLY A 326 -8.69 2.16 14.51
C GLY A 326 -7.89 1.39 15.55
N ALA A 327 -8.01 1.75 16.82
CA ALA A 327 -7.31 1.04 17.88
C ALA A 327 -7.78 -0.41 18.01
N GLU A 328 -9.06 -0.69 17.80
CA GLU A 328 -9.56 -2.06 17.91
C GLU A 328 -9.08 -2.95 16.76
N ILE A 329 -9.03 -2.39 15.55
CA ILE A 329 -8.45 -3.09 14.41
C ILE A 329 -6.97 -3.35 14.66
N ALA A 330 -6.24 -2.36 15.18
CA ALA A 330 -4.85 -2.53 15.56
C ALA A 330 -4.64 -3.66 16.56
N ARG A 331 -5.51 -3.73 17.57
CA ARG A 331 -5.43 -4.78 18.59
C ARG A 331 -5.71 -6.18 18.01
N THR A 332 -6.78 -6.31 17.23
CA THR A 332 -7.07 -7.57 16.55
C THR A 332 -5.89 -8.00 15.70
N CYS A 333 -5.36 -7.07 14.92
CA CYS A 333 -4.25 -7.39 14.04
C CYS A 333 -2.98 -7.76 14.83
N HIS A 334 -2.71 -7.06 15.93
CA HIS A 334 -1.66 -7.44 16.90
C HIS A 334 -1.90 -8.83 17.49
N GLU A 335 -3.16 -9.17 17.78
CA GLU A 335 -3.45 -10.53 18.26
C GLU A 335 -3.16 -11.61 17.21
N SER A 336 -3.38 -11.30 15.93
CA SER A 336 -3.05 -12.23 14.85
C SER A 336 -1.55 -12.46 14.80
N TYR A 337 -0.73 -11.46 15.18
CA TYR A 337 0.72 -11.61 15.33
C TYR A 337 1.04 -12.41 16.61
N ASN A 338 0.44 -12.04 17.73
CA ASN A 338 0.69 -12.66 19.05
C ASN A 338 0.44 -14.17 19.08
N ARG A 339 -0.59 -14.63 18.36
CA ARG A 339 -1.02 -16.04 18.43
C ARG A 339 -0.33 -16.95 17.42
N THR A 340 0.78 -16.47 16.86
CA THR A 340 1.65 -17.28 16.02
C THR A 340 2.90 -17.73 16.78
N TYR A 341 3.64 -18.64 16.16
CA TYR A 341 4.96 -19.01 16.66
C TYR A 341 6.00 -17.89 16.44
N VAL A 342 6.05 -17.34 15.23
CA VAL A 342 7.11 -16.41 14.83
C VAL A 342 6.88 -14.97 15.27
N LYS A 343 5.64 -14.67 15.67
CA LYS A 343 5.18 -13.31 16.02
C LYS A 343 5.09 -12.34 14.82
N LEU A 344 4.76 -12.91 13.67
CA LEU A 344 4.36 -12.19 12.46
C LEU A 344 3.10 -12.89 11.97
N GLY A 345 2.09 -12.11 11.59
CA GLY A 345 0.77 -12.64 11.35
C GLY A 345 0.57 -13.36 10.01
N PRO A 346 -0.48 -14.19 9.92
CA PRO A 346 -0.78 -14.93 8.68
C PRO A 346 -1.51 -14.09 7.61
N GLU A 347 -1.51 -14.57 6.37
CA GLU A 347 -2.19 -13.88 5.26
C GLU A 347 -3.68 -13.72 5.52
N ALA A 348 -4.32 -14.73 6.08
CA ALA A 348 -5.72 -14.61 6.50
C ALA A 348 -5.92 -15.30 7.86
N PHE A 349 -6.87 -14.79 8.63
CA PHE A 349 -7.19 -15.33 9.94
C PHE A 349 -8.71 -15.29 10.17
N ARG A 350 -9.23 -16.21 10.99
CA ARG A 350 -10.65 -16.50 11.02
C ARG A 350 -11.26 -16.33 12.40
N PHE A 351 -12.58 -16.23 12.42
CA PHE A 351 -13.36 -15.99 13.65
C PHE A 351 -14.60 -16.88 13.70
N ASP A 352 -14.46 -18.08 13.13
CA ASP A 352 -15.44 -19.16 13.33
C ASP A 352 -14.72 -20.51 13.26
N GLY A 353 -15.46 -21.61 13.20
CA GLY A 353 -14.87 -22.94 13.30
C GLY A 353 -14.08 -23.19 14.58
N GLY A 354 -14.43 -22.50 15.66
CA GLY A 354 -13.79 -22.65 16.94
C GLY A 354 -12.48 -21.90 17.15
N VAL A 355 -12.18 -20.94 16.25
CA VAL A 355 -10.95 -20.17 16.34
C VAL A 355 -11.20 -18.66 16.37
N GLU A 356 -10.21 -17.91 16.85
CA GLU A 356 -10.23 -16.45 16.81
C GLU A 356 -8.84 -15.90 16.54
N ALA A 357 -8.69 -15.22 15.40
CA ALA A 357 -7.47 -14.52 14.99
C ALA A 357 -6.33 -15.45 14.69
N ILE A 358 -6.65 -16.67 14.24
CA ILE A 358 -5.65 -17.55 13.65
C ILE A 358 -6.10 -18.11 12.29
N ALA A 359 -5.13 -18.53 11.49
CA ALA A 359 -5.43 -19.20 10.21
C ALA A 359 -5.78 -20.66 10.45
N THR A 360 -6.56 -21.26 9.55
CA THR A 360 -6.88 -22.70 9.63
C THR A 360 -6.44 -23.44 8.37
N ARG A 361 -6.59 -22.81 7.21
CA ARG A 361 -6.13 -23.39 5.94
C ARG A 361 -4.62 -23.25 5.80
N GLN A 362 -3.97 -24.33 5.40
CA GLN A 362 -2.52 -24.33 5.20
C GLN A 362 -2.06 -23.23 4.24
N ASN A 363 -2.83 -23.01 3.19
CA ASN A 363 -2.47 -22.03 2.16
C ASN A 363 -2.72 -20.57 2.54
N GLU A 364 -3.13 -20.32 3.80
CA GLU A 364 -3.29 -18.94 4.27
C GLU A 364 -2.40 -18.63 5.51
N LYS A 365 -1.43 -19.52 5.81
CA LYS A 365 -0.55 -19.37 6.97
C LYS A 365 0.76 -18.61 6.69
N TYR A 366 0.91 -18.08 5.47
CA TYR A 366 2.14 -17.39 5.06
C TYR A 366 2.25 -15.92 5.46
N TYR A 367 3.49 -15.41 5.50
CA TYR A 367 3.79 -13.97 5.71
C TYR A 367 4.82 -13.54 4.66
N ILE A 368 4.41 -12.66 3.73
CA ILE A 368 5.30 -12.19 2.67
C ILE A 368 5.79 -10.74 2.93
N LEU A 369 6.33 -10.51 4.13
CA LEU A 369 7.01 -9.24 4.44
C LEU A 369 6.11 -7.99 4.40
N ARG A 370 4.83 -8.23 4.62
CA ARG A 370 3.80 -7.20 4.43
C ARG A 370 3.84 -6.10 5.51
N PRO A 371 3.49 -4.89 5.12
CA PRO A 371 3.54 -3.71 5.99
C PRO A 371 2.26 -3.30 6.72
N GLU A 372 1.10 -3.88 6.42
CA GLU A 372 -0.15 -3.21 6.76
C GLU A 372 -0.42 -3.06 8.26
N VAL A 373 0.07 -3.98 9.07
CA VAL A 373 -0.10 -3.94 10.53
C VAL A 373 0.82 -2.87 11.12
N ILE A 374 2.07 -2.86 10.68
CA ILE A 374 3.03 -1.81 11.09
C ILE A 374 2.57 -0.43 10.61
N GLU A 375 2.03 -0.35 9.38
CA GLU A 375 1.41 0.88 8.84
C GLU A 375 0.35 1.42 9.80
N THR A 376 -0.54 0.56 10.24
CA THR A 376 -1.56 0.93 11.21
C THR A 376 -0.93 1.32 12.55
N TYR A 377 0.11 0.63 13.03
CA TYR A 377 0.82 1.09 14.23
C TYR A 377 1.37 2.52 14.09
N MET A 378 1.86 2.89 12.91
CA MET A 378 2.46 4.21 12.71
C MET A 378 1.42 5.29 12.89
N TYR A 379 0.26 5.10 12.26
CA TYR A 379 -0.83 6.08 12.35
C TYR A 379 -1.30 6.14 13.81
N MET A 380 -1.49 4.99 14.45
CA MET A 380 -1.96 4.96 15.85
C MET A 380 -0.95 5.66 16.79
N TRP A 381 0.34 5.45 16.58
CA TRP A 381 1.36 6.16 17.36
C TRP A 381 1.31 7.66 17.13
N ARG A 382 1.24 8.08 15.88
CA ARG A 382 1.28 9.51 15.56
C ARG A 382 0.00 10.25 16.01
N LEU A 383 -1.10 9.52 16.09
CA LEU A 383 -2.41 10.11 16.43
C LEU A 383 -2.82 9.90 17.87
N THR A 384 -2.08 9.10 18.65
CA THR A 384 -2.35 8.94 20.11
C THR A 384 -1.14 9.08 21.03
N HIS A 385 0.05 8.80 20.50
CA HIS A 385 1.28 8.72 21.30
C HIS A 385 1.18 7.76 22.51
N ASP A 386 0.36 6.73 22.36
CA ASP A 386 0.29 5.64 23.33
C ASP A 386 1.54 4.80 23.13
N PRO A 387 2.39 4.66 24.15
CA PRO A 387 3.62 3.86 24.02
C PRO A 387 3.42 2.42 23.53
N LYS A 388 2.27 1.79 23.73
CA LYS A 388 2.09 0.41 23.33
C LYS A 388 2.30 0.23 21.83
N TYR A 389 2.01 1.26 21.03
CA TYR A 389 2.17 1.10 19.57
C TYR A 389 3.66 1.01 19.17
N ARG A 390 4.53 1.75 19.87
CA ARG A 390 5.98 1.56 19.71
C ARG A 390 6.41 0.19 20.25
N THR A 391 5.81 -0.25 21.37
CA THR A 391 6.10 -1.57 21.93
C THR A 391 5.78 -2.66 20.90
N TRP A 392 4.58 -2.61 20.33
CA TRP A 392 4.13 -3.60 19.34
C TRP A 392 4.97 -3.53 18.06
N ALA A 393 5.37 -2.34 17.64
CA ALA A 393 6.23 -2.22 16.44
C ALA A 393 7.59 -2.86 16.69
N TRP A 394 8.15 -2.65 17.88
CA TRP A 394 9.44 -3.24 18.20
C TRP A 394 9.33 -4.77 18.32
N GLU A 395 8.20 -5.30 18.78
CA GLU A 395 7.99 -6.77 18.77
C GLU A 395 8.12 -7.33 17.35
N ALA A 396 7.58 -6.62 16.36
CA ALA A 396 7.65 -7.03 14.97
C ALA A 396 9.07 -6.93 14.42
N VAL A 397 9.81 -5.89 14.82
CA VAL A 397 11.21 -5.75 14.45
C VAL A 397 11.98 -6.97 14.95
N GLU A 398 11.82 -7.32 16.22
CA GLU A 398 12.55 -8.47 16.78
C GLU A 398 12.15 -9.76 16.05
N ALA A 399 10.88 -9.89 15.66
CA ALA A 399 10.39 -11.07 14.91
C ALA A 399 11.05 -11.15 13.53
N LEU A 400 11.08 -10.02 12.83
CA LEU A 400 11.69 -9.96 11.50
C LEU A 400 13.15 -10.35 11.57
N GLU A 401 13.85 -9.87 12.59
CA GLU A 401 15.29 -10.13 12.71
C GLU A 401 15.54 -11.58 13.08
N SER A 402 14.67 -12.15 13.90
CA SER A 402 14.76 -13.55 14.30
C SER A 402 14.40 -14.53 13.20
N HIS A 403 13.37 -14.22 12.40
CA HIS A 403 12.79 -15.21 11.50
C HIS A 403 12.82 -14.88 10.01
N CYS A 404 12.94 -13.61 9.62
CA CYS A 404 12.96 -13.25 8.18
C CYS A 404 14.32 -12.83 7.63
N ARG A 405 15.21 -12.35 8.51
CA ARG A 405 16.53 -11.89 8.11
C ARG A 405 17.37 -13.10 7.81
N VAL A 406 17.98 -13.07 6.62
CA VAL A 406 18.88 -14.13 6.18
C VAL A 406 20.17 -13.48 5.67
N ASN A 407 21.18 -14.28 5.40
CA ASN A 407 22.44 -13.71 4.93
C ASN A 407 22.27 -12.82 3.68
N GLY A 408 21.43 -13.26 2.75
CA GLY A 408 21.23 -12.58 1.48
C GLY A 408 20.13 -11.55 1.42
N GLY A 409 19.58 -11.15 2.58
CA GLY A 409 18.54 -10.15 2.60
C GLY A 409 17.42 -10.52 3.57
N TYR A 410 16.18 -10.30 3.14
CA TYR A 410 14.99 -10.67 3.93
C TYR A 410 14.07 -11.55 3.07
N SER A 411 13.55 -12.61 3.66
CA SER A 411 12.64 -13.55 2.98
C SER A 411 11.30 -13.64 3.70
N GLY A 412 10.23 -13.83 2.94
CA GLY A 412 8.95 -14.26 3.50
C GLY A 412 8.96 -15.69 4.00
N LEU A 413 7.89 -16.08 4.69
CA LEU A 413 7.70 -17.39 5.34
C LEU A 413 6.41 -18.08 4.88
N ARG A 414 6.43 -19.41 4.80
CA ARG A 414 5.27 -20.18 4.34
C ARG A 414 4.31 -20.55 5.46
N ASP A 415 4.79 -20.59 6.70
CA ASP A 415 3.95 -21.01 7.84
C ASP A 415 4.43 -20.38 9.14
N VAL A 416 3.70 -19.38 9.59
CA VAL A 416 4.04 -18.63 10.81
C VAL A 416 3.77 -19.37 12.15
N TYR A 417 3.21 -20.60 12.08
CA TYR A 417 2.78 -21.33 13.27
C TYR A 417 3.74 -22.40 13.75
N ILE A 418 4.84 -22.60 13.02
CA ILE A 418 5.82 -23.61 13.44
C ILE A 418 7.23 -23.06 13.62
N ALA A 419 8.11 -23.87 14.22
CA ALA A 419 9.43 -23.42 14.65
C ALA A 419 10.44 -23.35 13.51
N ARG A 420 10.36 -24.28 12.57
CA ARG A 420 11.36 -24.37 11.50
C ARG A 420 10.93 -23.47 10.34
N GLU A 421 11.75 -22.46 10.00
CA GLU A 421 11.35 -21.52 8.96
C GLU A 421 11.33 -22.22 7.59
N SER A 422 10.30 -21.92 6.79
CA SER A 422 10.25 -22.31 5.39
C SER A 422 10.19 -21.02 4.58
N TYR A 423 11.38 -20.62 4.10
CA TYR A 423 11.57 -19.38 3.37
C TYR A 423 11.00 -19.44 1.95
N ASP A 424 10.29 -18.40 1.55
CA ASP A 424 9.72 -18.36 0.20
C ASP A 424 10.67 -17.78 -0.87
N ASP A 425 11.84 -17.29 -0.46
CA ASP A 425 12.87 -16.82 -1.39
C ASP A 425 12.44 -15.62 -2.27
N VAL A 426 11.66 -14.70 -1.70
CA VAL A 426 11.34 -13.43 -2.37
C VAL A 426 11.49 -12.27 -1.38
N GLN A 427 12.33 -11.29 -1.74
CA GLN A 427 12.42 -10.02 -1.04
C GLN A 427 11.49 -9.03 -1.75
N GLN A 428 10.28 -8.88 -1.21
CA GLN A 428 9.25 -8.07 -1.85
C GLN A 428 9.72 -6.60 -1.87
N SER A 429 9.50 -5.88 -2.98
CA SER A 429 9.98 -4.48 -3.05
C SER A 429 9.29 -3.65 -1.99
N PHE A 430 8.07 -4.03 -1.64
CA PHE A 430 7.31 -3.27 -0.65
C PHE A 430 7.87 -3.40 0.78
N PHE A 431 8.75 -4.35 1.02
CA PHE A 431 9.47 -4.39 2.29
C PHE A 431 10.38 -3.14 2.45
N LEU A 432 10.99 -2.69 1.34
CA LEU A 432 11.89 -1.52 1.37
C LEU A 432 11.09 -0.20 1.25
N ALA A 433 10.06 -0.19 0.39
CA ALA A 433 9.21 0.98 0.23
C ALA A 433 8.37 1.22 1.48
N GLU A 434 7.79 0.17 2.05
CA GLU A 434 6.74 0.33 3.08
C GLU A 434 7.15 -0.15 4.46
N THR A 435 7.49 -1.43 4.59
CA THR A 435 7.64 -1.99 5.93
C THR A 435 8.73 -1.27 6.73
N LEU A 436 9.89 -1.09 6.11
CA LEU A 436 11.00 -0.39 6.74
C LEU A 436 10.79 1.12 6.83
N LYS A 437 10.08 1.74 5.88
CA LYS A 437 9.83 3.19 5.97
C LYS A 437 8.92 3.48 7.15
N TYR A 438 7.83 2.72 7.30
CA TYR A 438 6.92 2.93 8.41
C TYR A 438 7.60 2.63 9.76
N LEU A 439 8.41 1.59 9.84
CA LEU A 439 9.18 1.34 11.08
C LEU A 439 10.08 2.54 11.40
N TYR A 440 10.77 3.08 10.40
CA TYR A 440 11.70 4.21 10.64
C TYR A 440 10.95 5.42 11.15
N LEU A 441 9.79 5.68 10.55
CA LEU A 441 8.96 6.80 10.94
C LEU A 441 8.41 6.65 12.37
N ILE A 442 8.05 5.43 12.78
CA ILE A 442 7.55 5.19 14.13
C ILE A 442 8.58 5.58 15.18
N PHE A 443 9.85 5.34 14.89
CA PHE A 443 10.95 5.65 15.80
C PHE A 443 11.67 6.96 15.46
N SER A 444 10.94 7.83 14.76
CA SER A 444 11.34 9.22 14.48
C SER A 444 10.42 10.18 15.24
N ASP A 445 10.79 11.45 15.24
CA ASP A 445 9.87 12.47 15.72
C ASP A 445 8.77 12.70 14.68
N ASP A 446 7.67 13.31 15.15
CA ASP A 446 6.49 13.60 14.32
C ASP A 446 6.79 14.52 13.12
N ASP A 447 7.87 15.30 13.20
CA ASP A 447 8.15 16.30 12.18
C ASP A 447 8.94 15.77 10.97
N LEU A 448 9.19 14.47 10.92
CA LEU A 448 9.72 13.86 9.72
C LEU A 448 8.53 13.35 8.90
N LEU A 449 8.36 13.92 7.70
CA LEU A 449 7.18 13.69 6.86
C LEU A 449 5.90 13.90 7.66
N PRO A 450 5.71 15.12 8.17
CA PRO A 450 4.54 15.38 9.00
C PRO A 450 3.23 15.09 8.26
N LEU A 451 2.29 14.44 8.92
CA LEU A 451 1.07 14.01 8.27
C LEU A 451 0.23 15.20 7.76
N GLU A 452 0.41 16.38 8.36
CA GLU A 452 -0.30 17.57 7.85
C GLU A 452 0.17 18.04 6.46
N HIS A 453 1.35 17.63 6.03
CA HIS A 453 1.93 18.11 4.76
C HIS A 453 2.15 17.02 3.73
N TRP A 454 2.02 15.75 4.13
CA TRP A 454 2.29 14.63 3.23
C TRP A 454 1.24 13.56 3.35
N ILE A 455 0.75 13.06 2.21
CA ILE A 455 -0.24 12.00 2.15
C ILE A 455 0.45 10.84 1.48
N PHE A 456 0.48 9.69 2.15
CA PHE A 456 1.12 8.50 1.62
C PHE A 456 0.25 7.78 0.60
N ASN A 457 0.84 7.46 -0.56
CA ASN A 457 0.17 6.57 -1.50
C ASN A 457 0.14 5.14 -0.91
N THR A 458 -0.49 4.19 -1.59
CA THR A 458 -0.78 2.87 -0.99
C THR A 458 0.47 1.96 -0.92
N GLU A 459 1.55 2.43 -1.52
CA GLU A 459 2.90 1.85 -1.45
C GLU A 459 3.89 2.75 -0.63
N ALA A 460 3.35 3.51 0.30
CA ALA A 460 4.12 4.35 1.25
C ALA A 460 4.96 5.43 0.59
N HIS A 461 4.52 5.91 -0.58
CA HIS A 461 5.21 7.01 -1.26
C HIS A 461 4.52 8.34 -0.92
N PRO A 462 5.19 9.21 -0.13
CA PRO A 462 4.57 10.46 0.32
C PRO A 462 4.47 11.51 -0.80
N PHE A 463 3.26 12.07 -0.93
CA PHE A 463 2.96 13.13 -1.90
C PHE A 463 2.57 14.39 -1.15
N PRO A 464 2.98 15.55 -1.64
CA PRO A 464 2.57 16.81 -1.03
C PRO A 464 1.13 17.15 -1.39
N ILE A 465 0.53 17.99 -0.56
CA ILE A 465 -0.81 18.50 -0.78
C ILE A 465 -0.79 19.34 -2.05
N LEU A 466 -1.83 19.19 -2.87
CA LEU A 466 -2.11 20.03 -4.03
C LEU A 466 -3.15 21.07 -3.68
N ARG A 467 -2.82 22.33 -3.90
CA ARG A 467 -3.73 23.42 -3.53
C ARG A 467 -4.51 23.96 -4.72
C1 NAG B . -1.18 -12.79 23.69
C2 NAG B . -2.35 -12.03 24.33
C3 NAG B . -2.64 -12.48 25.77
C4 NAG B . -2.75 -13.99 25.91
C5 NAG B . -1.50 -14.59 25.26
C6 NAG B . -1.42 -16.10 25.30
C7 NAG B . -1.28 -9.89 24.83
C8 NAG B . -1.25 -8.40 24.58
N2 NAG B . -2.22 -10.59 24.22
O3 NAG B . -3.85 -11.90 26.22
O4 NAG B . -2.81 -14.34 27.30
O5 NAG B . -1.45 -14.17 23.89
O6 NAG B . -0.06 -16.47 25.07
O7 NAG B . -0.40 -10.35 25.57
C1 NAG B . -4.03 -14.94 27.74
C2 NAG B . -3.78 -15.65 29.06
C3 NAG B . -5.08 -16.18 29.68
C4 NAG B . -6.18 -15.12 29.64
C5 NAG B . -6.28 -14.47 28.26
C6 NAG B . -7.31 -13.34 28.14
C7 NAG B . -1.56 -16.66 29.28
C8 NAG B . -0.76 -17.92 29.23
N2 NAG B . -2.84 -16.75 28.94
O3 NAG B . -4.83 -16.61 31.02
O4 NAG B . -7.43 -15.74 29.88
O5 NAG B . -5.01 -13.93 27.93
O6 NAG B . -6.97 -12.35 29.07
O7 NAG B . -0.98 -15.62 29.64
C1 BMA B . -7.95 -15.55 31.21
C2 BMA B . -9.46 -15.70 31.15
C3 BMA B . -10.00 -15.49 32.56
C4 BMA B . -9.32 -16.39 33.57
C5 BMA B . -7.81 -16.29 33.47
C6 BMA B . -7.22 -17.36 34.38
O2 BMA B . -9.83 -16.96 30.64
O3 BMA B . -11.38 -15.79 32.62
O4 BMA B . -9.79 -16.07 34.87
O5 BMA B . -7.43 -16.51 32.12
O6 BMA B . -5.83 -17.23 34.49
C1 MAN B . -12.48 -14.36 32.30
C2 MAN B . -13.83 -14.82 32.86
C3 MAN B . -14.43 -15.93 32.01
C4 MAN B . -14.47 -15.53 30.54
C5 MAN B . -13.04 -15.26 30.08
C6 MAN B . -12.99 -14.83 28.59
O2 MAN B . -14.67 -13.70 32.89
O3 MAN B . -15.71 -16.28 32.48
O4 MAN B . -15.06 -16.55 29.75
O5 MAN B . -12.44 -14.26 30.89
O6 MAN B . -13.79 -13.68 28.42
C1 MAN B . -14.05 -13.32 27.03
C2 MAN B . -15.14 -12.23 27.07
C3 MAN B . -16.45 -12.84 27.55
C4 MAN B . -16.85 -14.05 26.73
C5 MAN B . -15.68 -15.03 26.66
C6 MAN B . -16.00 -16.24 25.79
O2 MAN B . -15.30 -11.66 25.78
O3 MAN B . -17.48 -11.88 27.47
O4 MAN B . -17.94 -14.71 27.34
O5 MAN B . -14.50 -14.37 26.21
O6 MAN B . -16.48 -15.82 24.53
C1 MAN B . -5.30 -17.81 35.69
C2 MAN B . -3.80 -17.54 35.79
C3 MAN B . -3.09 -18.31 34.70
C4 MAN B . -3.45 -19.79 34.72
C5 MAN B . -4.97 -19.91 34.61
C6 MAN B . -5.46 -21.33 34.69
O2 MAN B . -3.26 -17.95 37.05
O3 MAN B . -1.69 -18.20 34.88
O4 MAN B . -2.78 -20.50 33.71
O5 MAN B . -5.55 -19.21 35.71
O6 MAN B . -4.85 -22.03 35.79
C1 MAN B . -0.81 -17.92 33.41
C2 MAN B . 0.66 -17.83 33.78
C3 MAN B . 0.94 -16.56 34.57
C4 MAN B . 0.38 -15.35 33.84
C5 MAN B . -1.11 -15.57 33.59
C6 MAN B . -1.77 -14.42 32.83
O2 MAN B . 1.39 -17.88 32.56
O3 MAN B . 2.33 -16.42 34.76
O4 MAN B . 0.58 -14.22 34.65
O5 MAN B . -1.32 -16.75 32.82
O6 MAN B . -3.17 -14.68 32.69
C1 MAN B . -5.48 -23.31 35.99
C2 MAN B . -4.75 -24.07 37.08
C3 MAN B . -3.35 -24.41 36.64
C4 MAN B . -3.37 -25.14 35.30
C5 MAN B . -4.20 -24.38 34.25
C6 MAN B . -4.39 -25.13 32.95
O2 MAN B . -5.48 -25.28 37.32
O3 MAN B . -2.81 -25.17 37.71
O4 MAN B . -2.06 -25.33 34.82
O5 MAN B . -5.49 -24.05 34.79
O6 MAN B . -5.00 -24.27 31.97
CA CA C . -1.36 -0.51 0.61
#